data_1OMS
#
_entry.id   1OMS
#
_cell.length_a   71.644
_cell.length_b   71.644
_cell.length_c   375.409
_cell.angle_alpha   90.00
_cell.angle_beta   90.00
_cell.angle_gamma   120.00
#
_symmetry.space_group_name_H-M   'H 3 2'
#
loop_
_entity.id
_entity.type
_entity.pdbx_description
1 polymer 'Trigger Factor'
2 non-polymer 'SULFATE ION'
3 non-polymer 'TETRAETHYLENE GLYCOL'
4 non-polymer 'SULFUR DIOXIDE'
5 non-polymer GLYCEROL
6 water water
#
_entity_poly.entity_id   1
_entity_poly.type   'polypeptide(L)'
_entity_poly.pdbx_seq_one_letter_code
;GSH(MSE)QVSVETTQGLGRRVTITIAADSIETAVKSELVNVAKKVRIDGFRKGKVP(MSE)NIVAQRYGASVRQDVLGD
L(MSE)SRNFIDAIIKEKINPAGAPTYVPGEYKLGEDFTYSVEFEVYPEVELQ
;
_entity_poly.pdbx_strand_id   A,B,C
#
# COMPACT_ATOMS: atom_id res chain seq x y z
N GLN A 5 -3.61 24.66 3.17
CA GLN A 5 -4.98 25.12 3.38
C GLN A 5 -5.50 24.73 4.76
N VAL A 6 -5.45 25.68 5.70
CA VAL A 6 -5.89 25.43 7.08
C VAL A 6 -6.98 26.37 7.59
N SER A 7 -7.88 25.83 8.39
CA SER A 7 -8.98 26.59 8.98
C SER A 7 -8.97 26.39 10.50
N VAL A 8 -9.00 27.48 11.25
CA VAL A 8 -8.97 27.36 12.71
C VAL A 8 -10.18 27.97 13.43
N GLU A 9 -11.00 27.11 14.03
CA GLU A 9 -12.14 27.56 14.79
C GLU A 9 -11.55 27.75 16.17
N THR A 10 -12.18 28.56 17.01
CA THR A 10 -11.62 28.80 18.33
C THR A 10 -12.60 29.11 19.45
N THR A 11 -12.28 28.58 20.63
CA THR A 11 -13.06 28.75 21.87
C THR A 11 -14.17 27.73 22.12
N GLN A 12 -14.31 27.41 23.41
CA GLN A 12 -15.30 26.48 23.99
C GLN A 12 -14.58 26.02 25.26
N GLY A 13 -14.31 26.98 26.15
CA GLY A 13 -13.62 26.66 27.38
C GLY A 13 -12.23 26.15 27.05
N LEU A 14 -11.47 26.95 26.29
CA LEU A 14 -10.11 26.61 25.87
C LEU A 14 -10.07 25.67 24.66
N GLY A 15 -11.16 24.95 24.42
CA GLY A 15 -11.20 24.01 23.31
C GLY A 15 -10.95 24.69 21.96
N ARG A 16 -10.48 23.90 21.00
CA ARG A 16 -10.20 24.41 19.65
C ARG A 16 -10.28 23.32 18.60
N ARG A 17 -10.52 23.73 17.35
CA ARG A 17 -10.63 22.78 16.24
C ARG A 17 -9.93 23.30 15.00
N VAL A 18 -9.02 22.47 14.47
CA VAL A 18 -8.29 22.83 13.27
C VAL A 18 -8.66 21.91 12.13
N THR A 19 -9.24 22.46 11.08
CA THR A 19 -9.62 21.66 9.93
C THR A 19 -8.55 21.88 8.88
N ILE A 20 -8.07 20.77 8.32
CA ILE A 20 -7.01 20.83 7.33
C ILE A 20 -7.37 20.03 6.08
N THR A 21 -6.87 20.48 4.94
CA THR A 21 -7.11 19.79 3.68
C THR A 21 -5.78 19.53 3.00
N ILE A 22 -5.49 18.25 2.78
CA ILE A 22 -4.24 17.84 2.15
C ILE A 22 -4.41 17.69 0.63
N ALA A 23 -3.47 18.29 -0.11
CA ALA A 23 -3.52 18.22 -1.56
C ALA A 23 -3.40 16.76 -1.98
N ALA A 24 -4.13 16.39 -3.02
CA ALA A 24 -4.10 15.02 -3.53
C ALA A 24 -2.71 14.70 -4.03
N ASP A 25 -2.05 15.70 -4.61
CA ASP A 25 -0.71 15.51 -5.14
C ASP A 25 0.31 15.24 -4.05
N SER A 26 0.08 15.86 -2.91
CA SER A 26 0.96 15.72 -1.77
C SER A 26 0.83 14.27 -1.28
N ILE A 27 -0.39 13.76 -1.37
CA ILE A 27 -0.70 12.41 -0.97
C ILE A 27 -0.03 11.39 -1.89
N GLU A 28 -0.10 11.65 -3.20
CA GLU A 28 0.48 10.75 -4.16
C GLU A 28 2.00 10.69 -4.11
N THR A 29 2.63 11.81 -3.77
CA THR A 29 4.08 11.90 -3.67
C THR A 29 4.59 11.05 -2.50
N ALA A 30 3.86 11.07 -1.39
CA ALA A 30 4.21 10.30 -0.19
C ALA A 30 4.01 8.82 -0.48
N VAL A 31 2.85 8.50 -1.08
CA VAL A 31 2.53 7.12 -1.44
C VAL A 31 3.61 6.55 -2.37
N LYS A 32 3.96 7.30 -3.41
CA LYS A 32 4.97 6.84 -4.37
C LYS A 32 6.33 6.55 -3.74
N SER A 33 6.72 7.42 -2.81
CA SER A 33 7.99 7.28 -2.10
C SER A 33 7.97 6.03 -1.22
N GLU A 34 6.84 5.79 -0.57
CA GLU A 34 6.72 4.62 0.29
C GLU A 34 6.70 3.35 -0.56
N LEU A 35 5.98 3.39 -1.67
CA LEU A 35 5.88 2.23 -2.55
C LEU A 35 7.25 1.87 -3.11
N VAL A 36 8.05 2.90 -3.39
CA VAL A 36 9.40 2.69 -3.91
C VAL A 36 10.27 2.00 -2.86
N ASN A 37 10.07 2.41 -1.62
CA ASN A 37 10.79 1.82 -0.51
C ASN A 37 10.41 0.34 -0.46
N VAL A 38 9.11 0.08 -0.54
CA VAL A 38 8.59 -1.29 -0.53
C VAL A 38 9.18 -2.13 -1.67
N ALA A 39 9.28 -1.53 -2.85
CA ALA A 39 9.82 -2.24 -4.01
C ALA A 39 11.29 -2.65 -3.82
N LYS A 40 11.97 -2.01 -2.88
CA LYS A 40 13.38 -2.30 -2.62
C LYS A 40 13.55 -3.41 -1.58
N LYS A 41 12.49 -3.64 -0.80
CA LYS A 41 12.48 -4.63 0.25
C LYS A 41 11.84 -5.95 -0.14
N VAL A 42 10.81 -5.90 -0.98
CA VAL A 42 10.12 -7.11 -1.41
C VAL A 42 11.04 -8.04 -2.23
N ARG A 43 10.97 -9.34 -1.95
CA ARG A 43 11.74 -10.33 -2.68
C ARG A 43 10.76 -11.27 -3.36
N ILE A 44 10.93 -11.43 -4.67
CA ILE A 44 10.07 -12.28 -5.46
C ILE A 44 10.90 -13.39 -6.07
N ASP A 45 10.53 -14.64 -5.80
CA ASP A 45 11.26 -15.79 -6.34
C ASP A 45 11.45 -15.67 -7.86
N GLY A 46 12.64 -16.02 -8.34
CA GLY A 46 12.92 -15.98 -9.77
C GLY A 46 13.18 -14.60 -10.35
N PHE A 47 13.08 -13.56 -9.52
CA PHE A 47 13.28 -12.18 -9.96
C PHE A 47 14.39 -11.50 -9.16
N ARG A 48 15.42 -10.99 -9.84
CA ARG A 48 16.54 -10.33 -9.19
C ARG A 48 16.97 -9.06 -9.90
N LYS A 49 16.41 -8.82 -11.10
CA LYS A 49 16.75 -7.66 -11.91
C LYS A 49 16.21 -6.35 -11.36
N GLY A 50 16.88 -5.79 -10.36
CA GLY A 50 16.42 -4.53 -9.81
C GLY A 50 15.24 -4.64 -8.87
N LYS A 51 14.60 -3.50 -8.61
CA LYS A 51 13.46 -3.46 -7.71
C LYS A 51 12.22 -4.04 -8.37
N VAL A 52 11.29 -4.50 -7.53
CA VAL A 52 10.04 -5.08 -7.97
C VAL A 52 9.26 -4.00 -8.72
N PRO A 53 8.60 -4.37 -9.83
CA PRO A 53 7.81 -3.44 -10.64
C PRO A 53 6.76 -2.74 -9.79
N ASN A 55 3.75 -1.68 -10.51
CA ASN A 55 2.36 -2.11 -10.65
C ASN A 55 2.10 -3.24 -9.67
N ILE A 56 3.11 -4.08 -9.46
CA ILE A 56 2.96 -5.20 -8.53
C ILE A 56 2.84 -4.65 -7.11
N VAL A 57 3.78 -3.77 -6.76
CA VAL A 57 3.79 -3.16 -5.44
C VAL A 57 2.50 -2.38 -5.14
N ALA A 58 2.06 -1.54 -6.07
CA ALA A 58 0.84 -0.76 -5.89
C ALA A 58 -0.40 -1.64 -5.66
N GLN A 59 -0.48 -2.76 -6.38
CA GLN A 59 -1.61 -3.71 -6.29
C GLN A 59 -1.68 -4.41 -4.94
N ARG A 60 -0.54 -4.96 -4.50
CA ARG A 60 -0.48 -5.70 -3.25
C ARG A 60 -0.38 -4.85 -2.00
N TYR A 61 0.41 -3.79 -2.06
CA TYR A 61 0.65 -2.96 -0.90
C TYR A 61 0.02 -1.59 -0.95
N GLY A 62 -0.63 -1.26 -2.06
CA GLY A 62 -1.25 0.05 -2.20
C GLY A 62 -2.20 0.52 -1.11
N ALA A 63 -3.20 -0.28 -0.79
CA ALA A 63 -4.20 0.09 0.21
C ALA A 63 -3.59 0.30 1.60
N SER A 64 -2.70 -0.60 1.99
CA SER A 64 -2.02 -0.53 3.27
C SER A 64 -1.09 0.68 3.34
N VAL A 65 -0.23 0.84 2.33
CA VAL A 65 0.69 1.97 2.32
C VAL A 65 -0.07 3.29 2.31
N ARG A 66 -1.15 3.37 1.53
CA ARG A 66 -1.94 4.60 1.43
C ARG A 66 -2.62 4.92 2.76
N GLN A 67 -3.04 3.90 3.49
CA GLN A 67 -3.68 4.18 4.78
C GLN A 67 -2.66 4.72 5.77
N ASP A 68 -1.45 4.17 5.73
CA ASP A 68 -0.39 4.62 6.62
C ASP A 68 0.03 6.03 6.25
N VAL A 69 0.10 6.31 4.95
CA VAL A 69 0.48 7.64 4.48
C VAL A 69 -0.58 8.69 4.87
N LEU A 70 -1.85 8.30 4.89
CA LEU A 70 -2.90 9.23 5.29
C LEU A 70 -2.79 9.57 6.78
N GLY A 71 -2.38 8.59 7.58
CA GLY A 71 -2.24 8.82 9.01
C GLY A 71 -1.02 9.67 9.29
N ASP A 72 0.08 9.40 8.59
CA ASP A 72 1.33 10.14 8.74
C ASP A 72 1.13 11.62 8.38
N LEU A 73 0.46 11.86 7.25
CA LEU A 73 0.20 13.23 6.78
C LEU A 73 -0.76 14.02 7.67
N SER A 75 -1.03 13.78 10.73
CA SER A 75 -0.18 14.12 11.87
C SER A 75 0.81 15.23 11.49
N ARG A 76 1.58 15.00 10.44
CA ARG A 76 2.55 16.00 10.02
C ARG A 76 1.90 17.35 9.77
N ASN A 77 0.80 17.35 9.04
CA ASN A 77 0.14 18.61 8.74
C ASN A 77 -0.48 19.30 9.93
N PHE A 78 -0.93 18.55 10.91
CA PHE A 78 -1.48 19.18 12.08
C PHE A 78 -0.37 19.94 12.81
N ILE A 79 0.81 19.32 12.90
CA ILE A 79 1.97 19.91 13.52
C ILE A 79 2.39 21.15 12.73
N ASP A 80 2.53 21.01 11.41
CA ASP A 80 2.91 22.16 10.60
C ASP A 80 1.90 23.28 10.81
N ALA A 81 0.64 22.92 11.03
CA ALA A 81 -0.41 23.90 11.22
C ALA A 81 -0.26 24.69 12.53
N ILE A 82 -0.16 24.00 13.65
CA ILE A 82 -0.01 24.67 14.95
C ILE A 82 1.30 25.48 15.06
N ILE A 83 2.33 25.04 14.33
CA ILE A 83 3.60 25.76 14.36
C ILE A 83 3.34 27.10 13.70
N LYS A 84 2.63 27.09 12.59
CA LYS A 84 2.31 28.32 11.89
C LYS A 84 1.32 29.18 12.67
N GLU A 85 0.42 28.54 13.42
CA GLU A 85 -0.57 29.29 14.20
C GLU A 85 -0.06 29.62 15.59
N LYS A 86 1.25 29.53 15.80
CA LYS A 86 1.88 29.83 17.10
C LYS A 86 1.09 29.36 18.32
N ILE A 87 0.60 28.12 18.27
CA ILE A 87 -0.17 27.53 19.36
C ILE A 87 0.19 26.07 19.53
N ASN A 88 -0.21 25.51 20.65
CA ASN A 88 0.06 24.10 20.91
C ASN A 88 -0.97 23.50 21.87
N PRO A 89 -1.27 22.22 21.65
CA PRO A 89 -2.23 21.44 22.44
C PRO A 89 -1.77 21.28 23.89
N ALA A 90 -2.74 21.05 24.77
CA ALA A 90 -2.48 20.86 26.18
C ALA A 90 -2.79 19.41 26.50
N GLY A 91 -3.65 18.82 25.68
CA GLY A 91 -4.01 17.43 25.88
C GLY A 91 -3.90 16.64 24.60
N ALA A 92 -4.32 15.38 24.66
CA ALA A 92 -4.30 14.52 23.49
C ALA A 92 -5.27 15.09 22.47
N PRO A 93 -4.84 15.20 21.20
CA PRO A 93 -5.71 15.73 20.14
C PRO A 93 -6.67 14.66 19.63
N THR A 94 -7.85 15.08 19.17
CA THR A 94 -8.83 14.14 18.64
C THR A 94 -8.92 14.36 17.15
N TYR A 95 -8.61 13.33 16.37
CA TYR A 95 -8.65 13.42 14.93
C TYR A 95 -10.02 13.04 14.38
N VAL A 96 -10.64 13.96 13.64
CA VAL A 96 -11.96 13.72 13.05
C VAL A 96 -11.80 13.71 11.52
N PRO A 97 -11.54 12.54 10.95
CA PRO A 97 -11.37 12.42 9.50
C PRO A 97 -12.64 12.62 8.70
N GLY A 98 -12.47 13.07 7.47
CA GLY A 98 -13.59 13.24 6.57
C GLY A 98 -13.59 12.00 5.71
N GLU A 99 -14.35 12.03 4.62
CA GLU A 99 -14.38 10.88 3.74
C GLU A 99 -13.12 10.89 2.87
N TYR A 100 -12.47 9.74 2.74
CA TYR A 100 -11.30 9.69 1.88
C TYR A 100 -11.72 9.14 0.53
N LYS A 101 -11.39 9.86 -0.52
CA LYS A 101 -11.71 9.43 -1.86
C LYS A 101 -10.40 9.29 -2.62
N LEU A 102 -10.14 8.06 -3.08
CA LEU A 102 -8.92 7.74 -3.80
C LEU A 102 -8.54 8.77 -4.86
N GLY A 103 -7.36 9.35 -4.71
CA GLY A 103 -6.89 10.34 -5.66
C GLY A 103 -7.39 11.76 -5.49
N GLU A 104 -8.21 11.99 -4.47
CA GLU A 104 -8.78 13.32 -4.19
C GLU A 104 -8.24 13.95 -2.91
N ASP A 105 -8.36 15.28 -2.82
CA ASP A 105 -7.91 16.02 -1.64
C ASP A 105 -8.58 15.41 -0.44
N PHE A 106 -7.88 15.43 0.68
CA PHE A 106 -8.43 14.87 1.91
C PHE A 106 -8.54 15.92 2.99
N THR A 107 -9.72 16.00 3.59
CA THR A 107 -9.98 16.96 4.66
C THR A 107 -10.26 16.27 5.99
N TYR A 108 -9.78 16.88 7.07
CA TYR A 108 -9.99 16.32 8.40
C TYR A 108 -9.89 17.41 9.46
N SER A 109 -10.31 17.09 10.68
CA SER A 109 -10.25 18.04 11.76
C SER A 109 -9.48 17.47 12.93
N VAL A 110 -9.03 18.37 13.81
CA VAL A 110 -8.29 17.98 15.01
C VAL A 110 -8.77 18.88 16.15
N GLU A 111 -9.34 18.25 17.17
CA GLU A 111 -9.85 18.97 18.32
C GLU A 111 -8.88 18.78 19.47
N PHE A 112 -8.72 19.80 20.29
CA PHE A 112 -7.79 19.75 21.40
C PHE A 112 -7.95 21.01 22.22
N GLU A 113 -7.28 21.07 23.36
CA GLU A 113 -7.36 22.25 24.21
C GLU A 113 -6.00 22.93 24.28
N VAL A 114 -6.01 24.19 24.69
CA VAL A 114 -4.78 24.98 24.82
C VAL A 114 -4.62 25.45 26.27
N TYR A 115 -3.39 25.75 26.67
CA TYR A 115 -3.13 26.21 28.03
C TYR A 115 -3.62 27.64 28.20
N PRO A 116 -4.32 27.93 29.31
CA PRO A 116 -4.84 29.28 29.57
C PRO A 116 -3.74 30.34 29.59
N GLU A 117 -4.05 31.51 29.02
CA GLU A 117 -3.13 32.65 28.98
C GLU A 117 -3.90 33.92 29.34
N VAL A 118 -3.21 35.05 29.38
CA VAL A 118 -3.86 36.31 29.72
C VAL A 118 -3.54 37.46 28.77
N GLN B 5 10.55 -6.59 17.24
CA GLN B 5 10.24 -7.99 17.50
C GLN B 5 8.87 -8.26 16.84
N VAL B 6 8.80 -9.31 16.03
CA VAL B 6 7.55 -9.62 15.32
C VAL B 6 6.99 -11.01 15.59
N SER B 7 5.71 -11.04 15.90
CA SER B 7 5.01 -12.28 16.15
C SER B 7 3.73 -12.28 15.32
N VAL B 8 3.56 -13.31 14.50
CA VAL B 8 2.38 -13.45 13.65
C VAL B 8 1.56 -14.64 14.11
N GLU B 9 0.25 -14.47 14.19
CA GLU B 9 -0.60 -15.56 14.60
C GLU B 9 -2.02 -15.44 14.03
N THR B 10 -2.69 -16.58 13.94
CA THR B 10 -4.06 -16.64 13.44
C THR B 10 -4.98 -16.33 14.60
N THR B 11 -6.06 -15.60 14.34
CA THR B 11 -7.03 -15.33 15.39
C THR B 11 -8.10 -16.39 15.12
N GLN B 12 -8.90 -16.19 14.08
CA GLN B 12 -9.88 -17.16 13.67
C GLN B 12 -10.20 -16.96 12.19
N GLY B 13 -10.43 -18.07 11.48
CA GLY B 13 -10.72 -17.99 10.06
C GLY B 13 -9.56 -17.35 9.35
N LEU B 14 -9.85 -16.38 8.49
CA LEU B 14 -8.81 -15.68 7.73
C LEU B 14 -8.23 -14.52 8.54
N GLY B 15 -8.60 -14.45 9.82
CA GLY B 15 -8.12 -13.38 10.68
C GLY B 15 -6.72 -13.63 11.19
N ARG B 16 -5.90 -12.59 11.17
CA ARG B 16 -4.53 -12.68 11.62
C ARG B 16 -4.20 -11.54 12.56
N ARG B 17 -3.19 -11.72 13.39
CA ARG B 17 -2.75 -10.67 14.27
C ARG B 17 -1.24 -10.64 14.29
N VAL B 18 -0.69 -9.46 14.03
CA VAL B 18 0.75 -9.30 14.04
C VAL B 18 1.06 -8.45 15.25
N THR B 19 1.90 -8.95 16.15
CA THR B 19 2.28 -8.17 17.32
C THR B 19 3.73 -7.74 17.16
N ILE B 20 3.96 -6.43 17.30
CA ILE B 20 5.27 -5.83 17.12
C ILE B 20 5.70 -4.98 18.31
N THR B 21 6.97 -5.09 18.67
CA THR B 21 7.54 -4.29 19.76
C THR B 21 8.62 -3.39 19.19
N ILE B 22 8.47 -2.10 19.45
CA ILE B 22 9.43 -1.11 18.97
C ILE B 22 10.35 -0.71 20.12
N ALA B 23 11.66 -0.79 19.84
CA ALA B 23 12.69 -0.45 20.81
C ALA B 23 12.56 0.99 21.28
N ALA B 24 12.77 1.19 22.57
CA ALA B 24 12.68 2.49 23.20
C ALA B 24 13.55 3.55 22.54
N ASP B 25 14.81 3.22 22.26
CA ASP B 25 15.67 4.21 21.66
C ASP B 25 15.42 4.48 20.17
N SER B 26 14.70 3.58 19.50
CA SER B 26 14.38 3.80 18.10
C SER B 26 13.39 4.94 18.13
N ILE B 27 12.59 4.94 19.18
CA ILE B 27 11.59 5.97 19.36
C ILE B 27 12.24 7.29 19.76
N GLU B 28 13.19 7.23 20.71
CA GLU B 28 13.85 8.45 21.16
C GLU B 28 14.65 9.14 20.08
N THR B 29 15.34 8.34 19.27
CA THR B 29 16.15 8.85 18.19
C THR B 29 15.28 9.56 17.18
N ALA B 30 14.15 8.94 16.84
CA ALA B 30 13.22 9.50 15.89
C ALA B 30 12.57 10.78 16.41
N VAL B 31 12.27 10.78 17.71
CA VAL B 31 11.67 11.94 18.36
C VAL B 31 12.66 13.11 18.37
N LYS B 32 13.91 12.82 18.69
CA LYS B 32 14.91 13.87 18.72
C LYS B 32 15.12 14.44 17.32
N SER B 33 15.17 13.59 16.31
CA SER B 33 15.38 14.05 14.95
C SER B 33 14.26 14.95 14.47
N GLU B 34 13.03 14.55 14.73
CA GLU B 34 11.89 15.33 14.30
C GLU B 34 11.81 16.66 15.05
N LEU B 35 12.22 16.65 16.31
CA LEU B 35 12.19 17.86 17.13
C LEU B 35 13.19 18.86 16.54
N VAL B 36 14.31 18.34 16.05
CA VAL B 36 15.34 19.17 15.43
C VAL B 36 14.81 19.79 14.14
N ASN B 37 13.95 19.06 13.42
CA ASN B 37 13.38 19.57 12.18
C ASN B 37 12.23 20.54 12.43
N VAL B 38 11.53 20.33 13.53
CA VAL B 38 10.42 21.19 13.91
C VAL B 38 10.98 22.54 14.36
N ALA B 39 12.12 22.50 15.04
CA ALA B 39 12.75 23.72 15.52
C ALA B 39 13.18 24.60 14.33
N LYS B 40 13.56 23.95 13.24
CA LYS B 40 13.98 24.67 12.04
C LYS B 40 12.82 25.46 11.45
N LYS B 41 11.61 24.95 11.61
CA LYS B 41 10.40 25.59 11.07
C LYS B 41 9.77 26.66 11.94
N VAL B 42 9.99 26.56 13.24
CA VAL B 42 9.37 27.47 14.22
C VAL B 42 9.99 28.85 14.41
N ARG B 43 9.11 29.85 14.42
CA ARG B 43 9.48 31.24 14.68
C ARG B 43 8.46 31.64 15.75
N ILE B 44 8.85 31.62 17.01
CA ILE B 44 7.89 31.95 18.04
C ILE B 44 8.57 32.49 19.29
N ASP B 45 7.75 33.06 20.17
CA ASP B 45 8.20 33.61 21.43
C ASP B 45 9.37 34.60 21.33
N GLY B 46 9.32 35.48 20.34
CA GLY B 46 10.35 36.50 20.18
C GLY B 46 11.61 36.13 19.42
N PHE B 47 11.77 34.83 19.13
CA PHE B 47 12.95 34.33 18.43
C PHE B 47 12.81 34.30 16.91
N ARG B 48 13.93 34.43 16.22
CA ARG B 48 13.96 34.38 14.75
C ARG B 48 13.62 32.93 14.38
N LYS B 49 13.22 32.67 13.14
CA LYS B 49 12.89 31.32 12.74
C LYS B 49 14.08 30.38 12.90
N GLY B 50 13.84 29.22 13.52
CA GLY B 50 14.91 28.26 13.72
C GLY B 50 15.78 28.52 14.92
N LYS B 51 15.57 29.63 15.63
CA LYS B 51 16.40 29.96 16.79
C LYS B 51 15.69 29.83 18.12
N VAL B 52 14.52 29.20 18.12
CA VAL B 52 13.79 29.02 19.35
C VAL B 52 14.52 27.96 20.20
N PRO B 53 14.77 28.26 21.49
CA PRO B 53 15.44 27.29 22.36
C PRO B 53 14.74 25.95 22.28
N ASN B 55 14.46 23.81 24.59
CA ASN B 55 13.59 23.52 25.72
C ASN B 55 12.18 24.04 25.47
N ILE B 56 12.07 25.14 24.74
CA ILE B 56 10.75 25.70 24.43
C ILE B 56 10.11 24.86 23.33
N VAL B 57 10.87 24.45 22.32
CA VAL B 57 10.31 23.63 21.24
C VAL B 57 9.77 22.32 21.82
N ALA B 58 10.51 21.73 22.75
CA ALA B 58 10.14 20.48 23.39
C ALA B 58 8.93 20.67 24.30
N GLN B 59 8.94 21.74 25.09
CA GLN B 59 7.85 21.99 26.00
C GLN B 59 6.53 22.25 25.25
N ARG B 60 6.61 22.85 24.07
CA ARG B 60 5.44 23.15 23.26
C ARG B 60 5.01 22.04 22.31
N TYR B 61 5.97 21.43 21.63
CA TYR B 61 5.64 20.41 20.65
C TYR B 61 6.13 19.00 20.91
N GLY B 62 6.76 18.78 22.06
CA GLY B 62 7.26 17.45 22.37
C GLY B 62 6.21 16.37 22.32
N ALA B 63 5.08 16.60 22.98
CA ALA B 63 3.98 15.66 23.01
C ALA B 63 3.44 15.30 21.62
N SER B 64 3.18 16.33 20.82
CA SER B 64 2.68 16.15 19.47
C SER B 64 3.70 15.41 18.61
N VAL B 65 4.98 15.72 18.81
CA VAL B 65 6.01 15.04 18.04
C VAL B 65 6.08 13.56 18.41
N ARG B 66 5.90 13.27 19.70
CA ARG B 66 5.93 11.90 20.21
C ARG B 66 4.79 11.10 19.59
N GLN B 67 3.61 11.69 19.58
CA GLN B 67 2.45 11.05 18.99
C GLN B 67 2.74 10.77 17.51
N ASP B 68 3.17 11.81 16.78
CA ASP B 68 3.49 11.70 15.34
C ASP B 68 4.50 10.58 15.07
N VAL B 69 5.59 10.57 15.83
CA VAL B 69 6.61 9.56 15.64
C VAL B 69 6.11 8.12 15.92
N LEU B 70 5.31 7.94 16.97
CA LEU B 70 4.79 6.62 17.30
C LEU B 70 3.92 6.07 16.17
N GLY B 71 3.00 6.90 15.68
CA GLY B 71 2.16 6.48 14.56
C GLY B 71 3.02 6.08 13.38
N ASP B 72 3.99 6.93 13.03
CA ASP B 72 4.91 6.67 11.92
C ASP B 72 5.68 5.35 12.09
N LEU B 73 6.23 5.14 13.29
CA LEU B 73 6.98 3.93 13.54
C LEU B 73 6.06 2.69 13.49
N SER B 75 3.39 2.24 11.62
CA SER B 75 3.12 1.96 10.20
C SER B 75 4.31 1.31 9.50
N ARG B 76 5.46 1.98 9.56
CA ARG B 76 6.64 1.48 8.91
C ARG B 76 7.06 0.11 9.39
N ASN B 77 6.91 -0.13 10.69
CA ASN B 77 7.27 -1.42 11.26
C ASN B 77 6.31 -2.54 10.84
N PHE B 78 5.04 -2.18 10.66
CA PHE B 78 4.05 -3.16 10.24
C PHE B 78 4.32 -3.60 8.80
N ILE B 79 4.51 -2.61 7.94
CA ILE B 79 4.79 -2.89 6.54
C ILE B 79 6.07 -3.71 6.44
N ASP B 80 7.11 -3.33 7.17
CA ASP B 80 8.35 -4.11 7.11
C ASP B 80 8.11 -5.54 7.53
N ALA B 81 7.27 -5.69 8.56
CA ALA B 81 6.94 -6.99 9.11
C ALA B 81 6.18 -7.90 8.14
N ILE B 82 5.10 -7.38 7.51
CA ILE B 82 4.35 -8.23 6.59
C ILE B 82 5.18 -8.60 5.37
N ILE B 83 6.13 -7.74 5.02
CA ILE B 83 7.00 -8.04 3.88
C ILE B 83 7.92 -9.19 4.25
N LYS B 84 8.54 -9.12 5.42
CA LYS B 84 9.44 -10.17 5.86
C LYS B 84 8.70 -11.49 6.11
N GLU B 85 7.55 -11.43 6.76
CA GLU B 85 6.74 -12.62 7.05
C GLU B 85 5.97 -13.11 5.83
N LYS B 86 6.02 -12.34 4.75
CA LYS B 86 5.35 -12.69 3.51
C LYS B 86 3.87 -13.01 3.72
N ILE B 87 3.17 -12.09 4.37
CA ILE B 87 1.75 -12.25 4.60
C ILE B 87 1.11 -11.01 3.96
N ASN B 88 0.01 -11.21 3.23
CA ASN B 88 -0.64 -10.12 2.53
C ASN B 88 -2.06 -9.80 2.98
N PRO B 89 -2.25 -8.63 3.61
CA PRO B 89 -3.57 -8.18 4.10
C PRO B 89 -4.56 -8.02 2.96
N ALA B 90 -5.76 -8.54 3.15
CA ALA B 90 -6.80 -8.47 2.15
C ALA B 90 -7.31 -7.04 1.98
N GLY B 91 -7.33 -6.30 3.08
CA GLY B 91 -7.79 -4.92 3.02
C GLY B 91 -6.88 -3.97 3.78
N ALA B 92 -7.49 -3.05 4.51
CA ALA B 92 -6.75 -2.08 5.30
C ALA B 92 -6.64 -2.67 6.72
N PRO B 93 -5.42 -2.64 7.29
CA PRO B 93 -5.13 -3.16 8.63
C PRO B 93 -5.66 -2.30 9.76
N THR B 94 -5.97 -2.94 10.90
CA THR B 94 -6.45 -2.21 12.06
C THR B 94 -5.39 -2.23 13.16
N TYR B 95 -4.99 -1.03 13.58
CA TYR B 95 -3.97 -0.88 14.61
C TYR B 95 -4.55 -0.86 16.01
N VAL B 96 -3.93 -1.63 16.88
CA VAL B 96 -4.36 -1.72 18.26
C VAL B 96 -3.14 -1.47 19.13
N PRO B 97 -2.91 -0.19 19.49
CA PRO B 97 -1.75 0.15 20.32
C PRO B 97 -1.86 -0.34 21.75
N GLY B 98 -0.70 -0.58 22.35
CA GLY B 98 -0.65 -1.01 23.73
C GLY B 98 -0.53 0.30 24.51
N GLU B 99 -0.10 0.24 25.76
CA GLU B 99 0.06 1.48 26.53
C GLU B 99 1.46 2.03 26.31
N TYR B 100 1.57 3.34 26.15
CA TYR B 100 2.88 3.95 25.94
C TYR B 100 3.48 4.54 27.21
N LYS B 101 4.65 4.05 27.57
CA LYS B 101 5.39 4.52 28.72
C LYS B 101 6.61 5.24 28.20
N LEU B 102 6.65 6.54 28.41
CA LEU B 102 7.76 7.36 27.96
C LEU B 102 9.11 6.70 28.24
N GLY B 103 9.99 6.69 27.24
CA GLY B 103 11.30 6.10 27.41
C GLY B 103 11.34 4.59 27.49
N GLU B 104 10.20 3.93 27.32
CA GLU B 104 10.13 2.47 27.37
C GLU B 104 9.84 1.88 26.00
N ASP B 105 9.97 0.55 25.88
CA ASP B 105 9.67 -0.12 24.61
C ASP B 105 8.18 -0.02 24.33
N PHE B 106 7.78 -0.18 23.07
CA PHE B 106 6.36 -0.07 22.72
C PHE B 106 5.85 -1.27 21.91
N THR B 107 4.87 -1.96 22.46
CA THR B 107 4.29 -3.11 21.81
C THR B 107 2.88 -2.79 21.37
N TYR B 108 2.52 -3.22 20.16
CA TYR B 108 1.18 -2.99 19.64
C TYR B 108 0.83 -4.17 18.75
N SER B 109 -0.43 -4.24 18.33
CA SER B 109 -0.88 -5.33 17.48
C SER B 109 -1.56 -4.74 16.27
N VAL B 110 -1.57 -5.50 15.19
CA VAL B 110 -2.22 -5.07 13.97
C VAL B 110 -3.07 -6.26 13.55
N GLU B 111 -4.35 -6.00 13.29
CA GLU B 111 -5.25 -7.06 12.88
C GLU B 111 -5.77 -6.81 11.47
N PHE B 112 -5.99 -7.89 10.75
CA PHE B 112 -6.47 -7.86 9.37
C PHE B 112 -6.84 -9.27 8.92
N GLU B 113 -7.33 -9.41 7.70
CA GLU B 113 -7.68 -10.71 7.14
C GLU B 113 -6.76 -10.91 5.96
N VAL B 114 -6.55 -12.16 5.58
CA VAL B 114 -5.72 -12.47 4.42
C VAL B 114 -6.73 -12.97 3.39
N TYR B 115 -6.28 -13.09 2.16
CA TYR B 115 -7.18 -13.58 1.12
C TYR B 115 -7.36 -15.09 1.33
N PRO B 116 -8.52 -15.62 0.92
CA PRO B 116 -8.74 -17.06 1.07
C PRO B 116 -7.90 -17.78 0.01
N GLU B 117 -7.63 -19.05 0.23
CA GLU B 117 -6.85 -19.85 -0.71
C GLU B 117 -7.65 -20.06 -2.00
N VAL B 118 -6.99 -19.96 -3.15
CA VAL B 118 -7.65 -20.12 -4.45
C VAL B 118 -8.28 -21.51 -4.62
N GLU B 119 -7.53 -22.55 -4.25
CA GLU B 119 -8.01 -23.93 -4.33
C GLU B 119 -9.04 -24.18 -5.44
N HIS C 3 10.79 -18.43 -29.17
CA HIS C 3 10.84 -19.09 -27.84
C HIS C 3 9.48 -18.95 -27.14
N GLN C 5 8.21 -21.99 -24.55
CA GLN C 5 8.15 -23.00 -23.48
C GLN C 5 6.82 -23.76 -23.55
N VAL C 6 6.75 -24.67 -24.52
CA VAL C 6 5.56 -25.49 -24.78
C VAL C 6 5.90 -26.98 -24.71
N SER C 7 5.00 -27.76 -24.11
CA SER C 7 5.14 -29.22 -23.99
C SER C 7 3.87 -29.90 -24.46
N VAL C 8 4.01 -30.84 -25.37
CA VAL C 8 2.86 -31.56 -25.90
C VAL C 8 2.85 -32.99 -25.35
N GLU C 9 1.66 -33.48 -25.00
CA GLU C 9 1.55 -34.83 -24.50
C GLU C 9 0.38 -35.56 -25.11
N THR C 10 0.50 -36.87 -25.23
CA THR C 10 -0.58 -37.69 -25.72
C THR C 10 -1.13 -38.29 -24.44
N THR C 11 -2.43 -38.11 -24.22
CA THR C 11 -3.04 -38.64 -23.02
C THR C 11 -3.59 -40.03 -23.28
N GLN C 12 -4.69 -40.08 -23.99
CA GLN C 12 -5.32 -41.36 -24.26
C GLN C 12 -6.15 -41.19 -25.52
N GLY C 13 -6.04 -42.15 -26.44
CA GLY C 13 -6.78 -42.08 -27.68
C GLY C 13 -6.44 -40.83 -28.45
N LEU C 14 -7.46 -40.09 -28.87
CA LEU C 14 -7.27 -38.85 -29.63
C LEU C 14 -6.99 -37.65 -28.71
N GLY C 15 -6.78 -37.95 -27.42
CA GLY C 15 -6.53 -36.92 -26.44
C GLY C 15 -5.11 -36.42 -26.39
N ARG C 16 -4.99 -35.12 -26.09
CA ARG C 16 -3.70 -34.45 -26.01
C ARG C 16 -3.73 -33.41 -24.89
N ARG C 17 -2.55 -32.95 -24.52
CA ARG C 17 -2.41 -31.95 -23.49
C ARG C 17 -1.25 -31.08 -23.86
N VAL C 18 -1.47 -29.78 -23.83
CA VAL C 18 -0.44 -28.80 -24.13
C VAL C 18 -0.19 -28.04 -22.83
N THR C 19 1.05 -28.05 -22.39
CA THR C 19 1.45 -27.35 -21.18
C THR C 19 2.35 -26.17 -21.56
N ILE C 20 1.99 -24.99 -21.09
CA ILE C 20 2.74 -23.80 -21.43
C ILE C 20 3.09 -22.96 -20.21
N THR C 21 4.30 -22.39 -20.23
CA THR C 21 4.74 -21.52 -19.15
C THR C 21 4.94 -20.12 -19.73
N ILE C 22 4.27 -19.14 -19.13
CA ILE C 22 4.39 -17.76 -19.59
C ILE C 22 5.38 -17.09 -18.64
N ALA C 23 6.36 -16.41 -19.21
CA ALA C 23 7.41 -15.76 -18.46
C ALA C 23 6.83 -14.58 -17.68
N ALA C 24 7.34 -14.38 -16.47
CA ALA C 24 6.90 -13.31 -15.63
C ALA C 24 6.99 -11.94 -16.29
N ASP C 25 8.03 -11.71 -17.09
CA ASP C 25 8.17 -10.40 -17.72
C ASP C 25 7.18 -10.16 -18.85
N SER C 26 6.70 -11.24 -19.48
CA SER C 26 5.73 -11.13 -20.56
C SER C 26 4.38 -10.72 -19.96
N ILE C 27 4.12 -11.27 -18.80
CA ILE C 27 2.89 -11.00 -18.07
C ILE C 27 2.89 -9.55 -17.60
N GLU C 28 4.01 -9.14 -17.01
CA GLU C 28 4.12 -7.79 -16.49
C GLU C 28 4.02 -6.75 -17.58
N THR C 29 4.60 -7.04 -18.74
CA THR C 29 4.55 -6.10 -19.86
C THR C 29 3.12 -5.93 -20.34
N ALA C 30 2.37 -7.03 -20.35
CA ALA C 30 0.97 -7.06 -20.80
C ALA C 30 0.10 -6.31 -19.80
N VAL C 31 0.31 -6.58 -18.52
CA VAL C 31 -0.46 -5.91 -17.49
C VAL C 31 -0.20 -4.41 -17.54
N LYS C 32 1.03 -4.04 -17.83
CA LYS C 32 1.42 -2.63 -17.90
C LYS C 32 0.64 -1.84 -18.94
N SER C 33 0.61 -2.34 -20.17
CA SER C 33 -0.08 -1.66 -21.26
C SER C 33 -1.59 -1.69 -21.09
N GLU C 34 -2.11 -2.76 -20.49
CA GLU C 34 -3.54 -2.86 -20.28
C GLU C 34 -3.95 -1.81 -19.25
N LEU C 35 -3.09 -1.63 -18.25
CA LEU C 35 -3.34 -0.67 -17.19
C LEU C 35 -3.30 0.76 -17.74
N VAL C 36 -2.44 1.04 -18.72
CA VAL C 36 -2.40 2.39 -19.29
C VAL C 36 -3.65 2.65 -20.10
N ASN C 37 -4.22 1.60 -20.70
CA ASN C 37 -5.46 1.74 -21.47
C ASN C 37 -6.59 1.96 -20.49
N VAL C 38 -6.57 1.24 -19.37
CA VAL C 38 -7.61 1.39 -18.38
C VAL C 38 -7.53 2.79 -17.78
N ALA C 39 -6.31 3.33 -17.69
CA ALA C 39 -6.15 4.67 -17.11
C ALA C 39 -6.83 5.75 -17.96
N LYS C 40 -6.96 5.49 -19.26
CA LYS C 40 -7.59 6.42 -20.18
C LYS C 40 -9.08 6.51 -19.95
N LYS C 41 -9.64 5.50 -19.31
CA LYS C 41 -11.06 5.45 -19.06
C LYS C 41 -11.45 6.00 -17.71
N VAL C 42 -10.50 6.14 -16.79
CA VAL C 42 -10.87 6.61 -15.46
C VAL C 42 -10.74 8.11 -15.22
N ARG C 43 -11.74 8.64 -14.53
CA ARG C 43 -11.76 10.05 -14.17
C ARG C 43 -11.93 10.19 -12.65
N ILE C 44 -11.20 11.13 -12.07
CA ILE C 44 -11.28 11.42 -10.64
C ILE C 44 -11.30 12.94 -10.46
N ASP C 45 -12.40 13.45 -9.92
CA ASP C 45 -12.62 14.88 -9.70
C ASP C 45 -11.41 15.80 -9.83
N GLY C 46 -10.35 15.53 -9.07
CA GLY C 46 -9.16 16.35 -9.10
C GLY C 46 -8.46 16.58 -10.44
N PHE C 47 -8.91 15.92 -11.49
CA PHE C 47 -8.29 16.08 -12.80
C PHE C 47 -9.19 15.66 -13.96
N ARG C 48 -8.70 15.91 -15.17
CA ARG C 48 -9.42 15.55 -16.38
C ARG C 48 -9.16 14.09 -16.74
N LYS C 49 -10.21 13.44 -17.22
CA LYS C 49 -10.16 12.03 -17.61
C LYS C 49 -8.85 11.62 -18.28
N GLY C 50 -8.30 10.50 -17.80
CA GLY C 50 -7.06 9.97 -18.36
C GLY C 50 -5.75 10.35 -17.70
N LYS C 51 -5.78 11.34 -16.82
CA LYS C 51 -4.55 11.79 -16.14
C LYS C 51 -4.35 11.26 -14.72
N VAL C 52 -4.98 10.13 -14.40
CA VAL C 52 -4.88 9.51 -13.08
C VAL C 52 -3.53 8.82 -12.90
N PRO C 53 -2.86 9.04 -11.75
CA PRO C 53 -1.56 8.43 -11.44
C PRO C 53 -1.62 6.91 -11.51
N ASN C 55 -0.06 4.57 -10.00
CA ASN C 55 -0.09 3.84 -8.73
C ASN C 55 -1.52 3.68 -8.24
N ILE C 56 -2.38 4.64 -8.57
CA ILE C 56 -3.78 4.59 -8.18
C ILE C 56 -4.56 3.55 -9.00
N VAL C 57 -4.30 3.53 -10.30
CA VAL C 57 -4.96 2.60 -11.23
C VAL C 57 -4.51 1.17 -10.95
N ALA C 58 -3.23 1.00 -10.66
CA ALA C 58 -2.70 -0.31 -10.36
C ALA C 58 -3.29 -0.81 -9.05
N GLN C 59 -3.40 0.08 -8.07
CA GLN C 59 -3.93 -0.30 -6.77
C GLN C 59 -5.38 -0.74 -6.86
N ARG C 60 -6.18 0.00 -7.61
CA ARG C 60 -7.58 -0.29 -7.75
C ARG C 60 -7.95 -1.32 -8.82
N TYR C 61 -7.29 -1.26 -9.98
CA TYR C 61 -7.61 -2.19 -11.08
C TYR C 61 -6.57 -3.25 -11.42
N GLY C 62 -5.42 -3.20 -10.76
CA GLY C 62 -4.38 -4.17 -11.03
C GLY C 62 -4.76 -5.63 -10.93
N ALA C 63 -5.46 -6.03 -9.87
CA ALA C 63 -5.86 -7.42 -9.70
C ALA C 63 -6.80 -7.91 -10.80
N SER C 64 -7.80 -7.10 -11.11
CA SER C 64 -8.78 -7.43 -12.14
C SER C 64 -8.12 -7.53 -13.51
N VAL C 65 -7.27 -6.54 -13.82
CA VAL C 65 -6.55 -6.49 -15.09
C VAL C 65 -5.53 -7.61 -15.23
N ARG C 66 -4.90 -7.98 -14.13
CA ARG C 66 -3.90 -9.05 -14.11
C ARG C 66 -4.61 -10.35 -14.43
N GLN C 67 -5.83 -10.47 -13.93
CA GLN C 67 -6.65 -11.66 -14.17
C GLN C 67 -7.02 -11.70 -15.65
N ASP C 68 -7.51 -10.58 -16.17
CA ASP C 68 -7.89 -10.46 -17.57
C ASP C 68 -6.70 -10.86 -18.46
N VAL C 69 -5.53 -10.28 -18.20
CA VAL C 69 -4.31 -10.57 -18.96
C VAL C 69 -3.92 -12.06 -18.91
N LEU C 70 -3.93 -12.65 -17.72
CA LEU C 70 -3.58 -14.06 -17.63
C LEU C 70 -4.49 -14.83 -18.58
N GLY C 71 -5.80 -14.66 -18.42
CA GLY C 71 -6.74 -15.36 -19.29
C GLY C 71 -6.45 -15.11 -20.76
N ASP C 72 -6.19 -13.87 -21.14
CA ASP C 72 -5.91 -13.52 -22.53
C ASP C 72 -4.63 -14.19 -23.06
N LEU C 73 -3.56 -14.17 -22.26
CA LEU C 73 -2.29 -14.80 -22.63
C LEU C 73 -2.40 -16.32 -22.73
N SER C 75 -4.95 -18.03 -23.66
CA SER C 75 -5.64 -18.22 -24.93
C SER C 75 -4.75 -17.97 -26.15
N ARG C 76 -4.10 -16.81 -26.20
CA ARG C 76 -3.23 -16.44 -27.31
C ARG C 76 -2.06 -17.39 -27.49
N ASN C 77 -1.44 -17.78 -26.38
CA ASN C 77 -0.29 -18.69 -26.43
C ASN C 77 -0.72 -20.08 -26.86
N PHE C 78 -1.95 -20.46 -26.52
CA PHE C 78 -2.42 -21.77 -26.91
C PHE C 78 -2.60 -21.81 -28.42
N ILE C 79 -3.28 -20.80 -28.96
CA ILE C 79 -3.53 -20.69 -30.39
C ILE C 79 -2.21 -20.65 -31.16
N ASP C 80 -1.23 -19.88 -30.67
CA ASP C 80 0.04 -19.83 -31.37
C ASP C 80 0.69 -21.23 -31.31
N ALA C 81 0.59 -21.89 -30.16
CA ALA C 81 1.18 -23.21 -29.95
C ALA C 81 0.67 -24.30 -30.88
N ILE C 82 -0.64 -24.35 -31.10
CA ILE C 82 -1.22 -25.37 -31.96
C ILE C 82 -0.94 -25.06 -33.42
N ILE C 83 -0.73 -23.80 -33.76
CA ILE C 83 -0.41 -23.44 -35.13
C ILE C 83 1.02 -23.92 -35.40
N LYS C 84 1.92 -23.65 -34.45
CA LYS C 84 3.33 -24.05 -34.55
C LYS C 84 3.50 -25.57 -34.45
N GLU C 85 2.75 -26.21 -33.57
CA GLU C 85 2.86 -27.66 -33.42
C GLU C 85 1.96 -28.42 -34.38
N LYS C 86 1.21 -27.70 -35.19
CA LYS C 86 0.32 -28.33 -36.16
C LYS C 86 -0.66 -29.31 -35.50
N ILE C 87 -1.31 -28.81 -34.45
CA ILE C 87 -2.29 -29.57 -33.70
C ILE C 87 -3.67 -29.05 -34.08
N ASN C 88 -4.59 -29.98 -34.32
CA ASN C 88 -5.94 -29.63 -34.74
C ASN C 88 -6.98 -30.11 -33.74
N PRO C 89 -7.34 -29.26 -32.78
CA PRO C 89 -8.32 -29.60 -31.75
C PRO C 89 -9.73 -29.84 -32.28
N ALA C 90 -10.44 -30.73 -31.61
CA ALA C 90 -11.80 -31.04 -31.97
C ALA C 90 -12.68 -30.49 -30.84
N GLY C 91 -13.67 -29.69 -31.21
CA GLY C 91 -14.54 -29.13 -30.21
C GLY C 91 -13.83 -28.08 -29.40
N ALA C 92 -14.35 -27.80 -28.22
CA ALA C 92 -13.76 -26.79 -27.36
C ALA C 92 -12.75 -27.35 -26.37
N PRO C 93 -11.52 -26.83 -26.37
CA PRO C 93 -10.49 -27.31 -25.43
C PRO C 93 -10.79 -26.87 -24.01
N THR C 94 -10.21 -27.57 -23.04
CA THR C 94 -10.40 -27.24 -21.64
C THR C 94 -9.13 -26.67 -21.05
N TYR C 95 -9.22 -25.47 -20.48
CA TYR C 95 -8.05 -24.84 -19.88
C TYR C 95 -7.95 -25.26 -18.42
N VAL C 96 -6.75 -25.74 -18.06
CA VAL C 96 -6.46 -26.19 -16.70
C VAL C 96 -5.34 -25.30 -16.14
N PRO C 97 -5.70 -24.16 -15.52
CA PRO C 97 -4.70 -23.24 -14.95
C PRO C 97 -3.93 -23.73 -13.72
N GLY C 98 -2.67 -23.36 -13.63
CA GLY C 98 -1.87 -23.74 -12.48
C GLY C 98 -2.06 -22.62 -11.47
N GLU C 99 -1.36 -22.68 -10.35
CA GLU C 99 -1.48 -21.63 -9.34
C GLU C 99 -0.76 -20.39 -9.84
N TYR C 100 -1.34 -19.22 -9.61
CA TYR C 100 -0.64 -18.01 -10.04
C TYR C 100 0.02 -17.34 -8.84
N LYS C 101 1.31 -17.11 -8.94
CA LYS C 101 2.07 -16.44 -7.90
C LYS C 101 2.48 -15.08 -8.44
N LEU C 102 2.10 -14.02 -7.76
CA LEU C 102 2.38 -12.64 -8.17
C LEU C 102 3.83 -12.37 -8.55
N GLY C 103 4.04 -11.88 -9.77
CA GLY C 103 5.39 -11.58 -10.21
C GLY C 103 6.23 -12.77 -10.63
N GLU C 104 5.62 -13.95 -10.71
CA GLU C 104 6.34 -15.16 -11.10
C GLU C 104 5.86 -15.76 -12.43
N ASP C 105 6.63 -16.70 -12.97
CA ASP C 105 6.24 -17.35 -14.22
C ASP C 105 4.95 -18.12 -13.96
N PHE C 106 4.13 -18.27 -14.98
CA PHE C 106 2.85 -18.95 -14.84
C PHE C 106 2.71 -20.13 -15.82
N THR C 107 2.34 -21.29 -15.30
CA THR C 107 2.17 -22.50 -16.11
C THR C 107 0.74 -23.00 -16.07
N TYR C 108 0.27 -23.48 -17.22
CA TYR C 108 -1.09 -24.02 -17.31
C TYR C 108 -1.09 -25.09 -18.38
N SER C 109 -2.16 -25.85 -18.44
CA SER C 109 -2.30 -26.91 -19.43
C SER C 109 -3.63 -26.72 -20.12
N VAL C 110 -3.72 -27.27 -21.33
CA VAL C 110 -4.94 -27.19 -22.10
C VAL C 110 -5.15 -28.62 -22.57
N GLU C 111 -6.33 -29.17 -22.27
CA GLU C 111 -6.67 -30.54 -22.65
C GLU C 111 -7.75 -30.59 -23.72
N PHE C 112 -7.57 -31.47 -24.69
CA PHE C 112 -8.50 -31.56 -25.80
C PHE C 112 -8.28 -32.81 -26.65
N GLU C 113 -9.27 -33.09 -27.51
CA GLU C 113 -9.20 -34.22 -28.41
C GLU C 113 -8.83 -33.61 -29.75
N VAL C 114 -8.11 -34.34 -30.59
CA VAL C 114 -7.77 -33.82 -31.90
C VAL C 114 -8.64 -34.59 -32.88
N TYR C 115 -8.69 -34.14 -34.13
CA TYR C 115 -9.50 -34.84 -35.11
C TYR C 115 -8.70 -36.01 -35.65
N PRO C 116 -9.33 -37.19 -35.80
CA PRO C 116 -8.61 -38.35 -36.33
C PRO C 116 -8.35 -38.02 -37.80
N GLU C 117 -7.48 -38.78 -38.44
CA GLU C 117 -7.19 -38.52 -39.85
C GLU C 117 -8.46 -38.70 -40.69
N VAL C 118 -8.73 -37.74 -41.56
CA VAL C 118 -9.91 -37.81 -42.41
C VAL C 118 -9.83 -39.09 -43.26
N GLU C 119 -10.79 -40.00 -43.02
CA GLU C 119 -10.83 -41.27 -43.73
C GLU C 119 -11.93 -41.25 -44.80
N LEU C 120 -11.55 -41.63 -46.01
CA LEU C 120 -12.47 -41.62 -47.13
C LEU C 120 -12.62 -43.02 -47.76
#